data_5G6M
#
_entry.id   5G6M
#
_cell.length_a   80.720
_cell.length_b   94.470
_cell.length_c   62.160
_cell.angle_alpha   90.00
_cell.angle_beta   90.00
_cell.angle_gamma   90.00
#
_symmetry.space_group_name_H-M   'P 21 21 2'
#
loop_
_entity.id
_entity.type
_entity.pdbx_description
1 polymer 'NITRIC OXIDE SYNTHASE OXYGENASE'
2 non-polymer 'PROTOPORPHYRIN IX CONTAINING FE'
3 non-polymer 5,6,7,8-TETRAHYDROBIOPTERIN
4 non-polymer 'CHLORIDE ION'
5 non-polymer 7-[[3-(aminomethyl)phenoxy]methyl]quinolin-2-amine
6 non-polymer GLYCEROL
7 water water
#
_entity_poly.entity_id   1
_entity_poly.type   'polypeptide(L)'
_entity_poly.pdbx_seq_one_letter_code
;MEEKEILWNEAKAFIAACYQELGKAAEVKDRLADIKSEIDLTGSYVHTKEELEHGAKMAWRNSNRCIGRLFWNSLNVIDR
RDVRTKEEVRDALFHHIETATNNGKIRPTITIFPPEEKGEKQVEIWNHQLIRYAGYESDGERIGDPASCSLTAACEELGW
RGERTDFDLLPLIFRMKGDEQPVWYELPRSLVIEVPITHPDIEAFSDLELKWYGVPIISDMKLEVGGIHYNAAPFNGWYM
GTEIGARNLADEKRYDKLKKVASVIGIAADYNTDLWKDQALVELNKAVLHSYKKQGVSIVDHHTAASQFKRFEEQAEEAG
RKLTGDWTWLIPPISPAATHIFHRSYDNSIVKPNYFYQDKPYE
;
_entity_poly.pdbx_strand_id   A
#
# COMPACT_ATOMS: atom_id res chain seq x y z
N GLU A 2 10.97 31.02 6.59
CA GLU A 2 10.85 30.66 5.19
C GLU A 2 9.98 29.41 4.98
N GLU A 3 10.24 28.33 5.71
CA GLU A 3 9.45 27.12 5.57
C GLU A 3 8.11 27.36 6.26
N LYS A 4 8.11 28.32 7.18
CA LYS A 4 6.87 28.80 7.79
C LYS A 4 5.97 29.35 6.70
N GLU A 5 6.57 29.94 5.68
CA GLU A 5 5.81 30.41 4.52
C GLU A 5 5.14 29.24 3.79
N ILE A 6 5.95 28.27 3.36
CA ILE A 6 5.42 27.09 2.67
C ILE A 6 4.32 26.48 3.55
N LEU A 7 4.62 26.33 4.83
CA LEU A 7 3.72 25.63 5.75
C LEU A 7 2.39 26.37 5.87
N TRP A 8 2.46 27.66 6.15
CA TRP A 8 1.25 28.48 6.29
C TRP A 8 0.41 28.47 5.03
N ASN A 9 1.07 28.51 3.87
CA ASN A 9 0.39 28.46 2.57
C ASN A 9 -0.36 27.14 2.36
N GLU A 10 0.33 26.03 2.65
CA GLU A 10 -0.27 24.72 2.47
C GLU A 10 -1.42 24.59 3.48
N ALA A 11 -1.21 25.12 4.67
CA ALA A 11 -2.23 25.13 5.72
C ALA A 11 -3.53 25.83 5.27
N LYS A 12 -3.40 27.05 4.77
CA LYS A 12 -4.56 27.80 4.28
C LYS A 12 -5.31 27.00 3.23
N ALA A 13 -4.58 26.38 2.31
CA ALA A 13 -5.21 25.75 1.18
C ALA A 13 -5.93 24.52 1.69
N PHE A 14 -5.27 23.78 2.59
CA PHE A 14 -5.84 22.55 3.10
C PHE A 14 -7.05 22.80 4.03
N ILE A 15 -6.89 23.69 5.00
CA ILE A 15 -7.99 23.92 5.94
C ILE A 15 -9.27 24.42 5.25
N ALA A 16 -9.12 25.33 4.30
CA ALA A 16 -10.24 25.84 3.52
C ALA A 16 -11.00 24.71 2.79
N ALA A 17 -10.26 23.83 2.10
CA ALA A 17 -10.88 22.76 1.33
C ALA A 17 -11.48 21.69 2.25
N CYS A 18 -10.76 21.37 3.31
CA CYS A 18 -11.20 20.34 4.24
C CYS A 18 -12.52 20.76 4.92
N TYR A 19 -12.54 21.97 5.45
CA TYR A 19 -13.68 22.44 6.22
C TYR A 19 -14.92 22.64 5.34
N GLN A 20 -14.67 23.01 4.09
CA GLN A 20 -15.71 23.15 3.08
C GLN A 20 -16.37 21.79 2.80
N GLU A 21 -15.56 20.75 2.64
CA GLU A 21 -16.10 19.40 2.44
C GLU A 21 -16.85 18.88 3.68
N LEU A 22 -16.42 19.31 4.87
CA LEU A 22 -17.00 18.83 6.14
C LEU A 22 -18.17 19.71 6.61
N GLY A 23 -18.57 20.69 5.80
CA GLY A 23 -19.65 21.60 6.21
C GLY A 23 -19.27 22.65 7.26
N LYS A 24 -17.97 22.83 7.49
CA LYS A 24 -17.46 23.67 8.58
C LYS A 24 -16.88 24.98 8.08
N ALA A 25 -17.37 25.47 6.94
CA ALA A 25 -16.78 26.63 6.30
C ALA A 25 -16.71 27.86 7.20
N ALA A 26 -17.63 27.98 8.15
CA ALA A 26 -17.66 29.16 9.03
C ALA A 26 -16.47 29.18 9.99
N GLU A 27 -15.95 27.99 10.29
CA GLU A 27 -14.93 27.86 11.33
C GLU A 27 -13.53 28.09 10.80
N VAL A 28 -13.43 28.25 9.48
CA VAL A 28 -12.15 28.38 8.83
C VAL A 28 -11.35 29.58 9.34
N LYS A 29 -12.01 30.74 9.45
CA LYS A 29 -11.27 31.96 9.74
C LYS A 29 -10.54 31.87 11.09
N ASP A 30 -11.27 31.41 12.10
CA ASP A 30 -10.75 31.24 13.45
C ASP A 30 -9.71 30.13 13.53
N ARG A 31 -9.97 29.00 12.86
CA ARG A 31 -9.00 27.91 12.85
C ARG A 31 -7.68 28.40 12.17
N LEU A 32 -7.79 29.17 11.10
CA LEU A 32 -6.61 29.70 10.45
C LEU A 32 -5.87 30.71 11.36
N ALA A 33 -6.62 31.50 12.12
CA ALA A 33 -6.03 32.44 13.06
C ALA A 33 -5.13 31.70 14.03
N ASP A 34 -5.66 30.63 14.63
CA ASP A 34 -4.93 29.81 15.61
C ASP A 34 -3.71 29.13 14.99
N ILE A 35 -3.88 28.62 13.76
CA ILE A 35 -2.75 28.01 13.05
C ILE A 35 -1.64 29.04 12.76
N LYS A 36 -2.01 30.26 12.38
CA LYS A 36 -1.01 31.28 12.09
C LYS A 36 -0.15 31.55 13.32
N SER A 37 -0.81 31.61 14.49
CA SER A 37 -0.15 31.85 15.76
C SER A 37 0.71 30.66 16.14
N GLU A 38 0.20 29.46 15.91
CA GLU A 38 0.90 28.25 16.33
C GLU A 38 2.19 28.09 15.53
N ILE A 39 2.13 28.43 14.25
CA ILE A 39 3.32 28.37 13.39
C ILE A 39 4.38 29.37 13.83
N ASP A 40 3.94 30.61 14.05
CA ASP A 40 4.81 31.69 14.49
C ASP A 40 5.54 31.32 15.78
N LEU A 41 4.79 30.83 16.76
CA LEU A 41 5.35 30.47 18.04
C LEU A 41 6.22 29.20 17.99
N THR A 42 5.79 28.21 17.19
CA THR A 42 6.40 26.87 17.29
C THR A 42 7.13 26.34 16.05
N GLY A 43 6.94 26.97 14.90
CA GLY A 43 7.49 26.43 13.66
C GLY A 43 6.61 25.38 12.99
N SER A 44 5.54 25.00 13.68
CA SER A 44 4.61 24.02 13.07
C SER A 44 3.18 24.19 13.58
N TYR A 45 2.32 23.25 13.21
CA TYR A 45 0.98 23.20 13.80
C TYR A 45 0.50 21.77 13.93
N VAL A 46 -0.49 21.55 14.77
CA VAL A 46 -0.99 20.20 15.00
C VAL A 46 -2.40 20.08 14.42
N HIS A 47 -2.67 19.03 13.64
CA HIS A 47 -4.00 18.78 13.11
C HIS A 47 -4.97 18.28 14.19
N THR A 48 -6.21 18.75 14.12
CA THR A 48 -7.28 18.11 14.88
C THR A 48 -7.49 16.67 14.38
N LYS A 49 -8.19 15.85 15.17
CA LYS A 49 -8.43 14.45 14.77
C LYS A 49 -9.25 14.40 13.49
N GLU A 50 -10.24 15.28 13.42
CA GLU A 50 -11.06 15.42 12.24
C GLU A 50 -10.26 15.80 10.97
N GLU A 51 -9.35 16.76 11.11
CA GLU A 51 -8.52 17.17 9.99
C GLU A 51 -7.65 16.03 9.51
N LEU A 52 -7.04 15.32 10.45
CA LEU A 52 -6.09 14.27 10.08
C LEU A 52 -6.86 13.17 9.37
N GLU A 53 -8.01 12.82 9.92
CA GLU A 53 -8.83 11.76 9.33
C GLU A 53 -9.24 12.15 7.92
N HIS A 54 -9.82 13.33 7.79
CA HIS A 54 -10.26 13.74 6.48
C HIS A 54 -9.09 13.93 5.51
N GLY A 55 -7.97 14.50 5.98
CA GLY A 55 -6.77 14.60 5.15
C GLY A 55 -6.27 13.27 4.57
N ALA A 56 -6.30 12.20 5.36
CA ALA A 56 -5.79 10.93 4.88
C ALA A 56 -6.73 10.35 3.82
N LYS A 57 -8.03 10.57 4.03
CA LYS A 57 -9.04 10.16 3.07
C LYS A 57 -8.87 10.97 1.79
N MET A 58 -8.66 12.28 1.90
CA MET A 58 -8.43 13.07 0.67
C MET A 58 -7.18 12.62 -0.05
N ALA A 59 -6.17 12.20 0.69
CA ALA A 59 -4.94 11.74 0.05
C ALA A 59 -5.15 10.48 -0.79
N TRP A 60 -5.98 9.56 -0.30
CA TRP A 60 -6.32 8.37 -1.06
C TRP A 60 -7.12 8.80 -2.29
N ARG A 61 -8.12 9.64 -2.08
CA ARG A 61 -8.94 10.16 -3.17
C ARG A 61 -8.10 10.81 -4.29
N ASN A 62 -6.95 11.38 -3.93
CA ASN A 62 -6.12 12.09 -4.91
C ASN A 62 -5.00 11.20 -5.45
N SER A 63 -4.97 9.93 -5.06
CA SER A 63 -3.90 9.03 -5.53
C SER A 63 -4.14 8.57 -6.97
N ASN A 64 -3.50 9.24 -7.91
CA ASN A 64 -3.77 9.05 -9.34
C ASN A 64 -3.59 7.62 -9.81
N ARG A 65 -2.69 6.91 -9.15
CA ARG A 65 -2.40 5.53 -9.64
C ARG A 65 -3.30 4.48 -9.08
N CYS A 66 -4.23 4.87 -8.21
CA CYS A 66 -5.06 3.84 -7.50
C CYS A 66 -6.44 3.60 -8.11
N ILE A 67 -6.70 2.36 -8.52
CA ILE A 67 -7.98 2.02 -9.13
C ILE A 67 -9.07 1.86 -8.06
N GLY A 68 -8.65 1.82 -6.79
CA GLY A 68 -9.57 1.39 -5.75
C GLY A 68 -10.22 2.55 -5.02
N ARG A 69 -10.11 3.75 -5.56
CA ARG A 69 -10.54 4.93 -4.83
C ARG A 69 -12.03 5.13 -4.58
N LEU A 70 -12.91 4.31 -5.15
CA LEU A 70 -14.35 4.54 -4.88
C LEU A 70 -14.59 4.61 -3.39
N PHE A 71 -13.84 3.80 -2.64
CA PHE A 71 -14.09 3.65 -1.19
C PHE A 71 -13.32 4.59 -0.27
N TRP A 72 -12.76 5.64 -0.85
CA TRP A 72 -11.92 6.61 -0.10
C TRP A 72 -12.52 7.14 1.22
N ASN A 73 -13.82 7.40 1.24
CA ASN A 73 -14.46 7.97 2.41
C ASN A 73 -14.69 6.98 3.56
N SER A 74 -14.42 5.69 3.34
CA SER A 74 -14.63 4.76 4.44
C SER A 74 -13.32 4.24 5.01
N LEU A 75 -12.22 4.89 4.62
CA LEU A 75 -10.90 4.59 5.20
C LEU A 75 -10.97 4.68 6.73
N ASN A 76 -10.43 3.67 7.41
CA ASN A 76 -10.38 3.62 8.88
C ASN A 76 -9.07 4.30 9.31
N VAL A 77 -9.15 5.46 9.93
CA VAL A 77 -7.91 6.19 10.26
C VAL A 77 -7.52 6.04 11.72
N ILE A 78 -6.34 5.47 12.01
CA ILE A 78 -5.94 5.30 13.42
C ILE A 78 -4.85 6.32 13.77
N ASP A 79 -5.16 7.18 14.73
CA ASP A 79 -4.28 8.28 15.10
C ASP A 79 -3.25 7.83 16.15
N ARG A 80 -2.03 7.53 15.71
CA ARG A 80 -1.00 7.13 16.70
C ARG A 80 0.11 8.15 16.85
N ARG A 81 -0.24 9.44 16.82
CA ARG A 81 0.69 10.54 17.03
C ARG A 81 1.23 10.61 18.46
N ASP A 82 0.63 9.82 19.35
CA ASP A 82 1.03 9.81 20.74
C ASP A 82 2.24 8.89 20.98
N VAL A 83 2.64 8.06 20.01
CA VAL A 83 3.70 7.09 20.31
C VAL A 83 5.05 7.77 20.50
N ARG A 84 5.85 7.24 21.44
CA ARG A 84 7.17 7.78 21.73
C ARG A 84 8.25 6.70 21.83
N THR A 85 7.84 5.43 21.98
CA THR A 85 8.80 4.33 22.18
C THR A 85 8.70 3.23 21.13
N LYS A 86 9.76 2.42 21.05
CA LYS A 86 9.80 1.47 19.95
C LYS A 86 8.81 0.32 20.24
N GLU A 87 8.59 0.01 21.52
CA GLU A 87 7.56 -0.95 21.87
C GLU A 87 6.19 -0.43 21.43
N GLU A 88 5.93 0.86 21.63
CA GLU A 88 4.64 1.43 21.19
C GLU A 88 4.49 1.35 19.68
N VAL A 89 5.57 1.60 18.95
CA VAL A 89 5.51 1.53 17.50
C VAL A 89 5.22 0.10 17.06
N ARG A 90 5.95 -0.85 17.64
CA ARG A 90 5.79 -2.25 17.27
C ARG A 90 4.36 -2.66 17.56
N ASP A 91 3.86 -2.28 18.74
CA ASP A 91 2.53 -2.71 19.10
C ASP A 91 1.46 -2.10 18.19
N ALA A 92 1.69 -0.87 17.76
CA ALA A 92 0.79 -0.20 16.80
C ALA A 92 0.77 -0.90 15.44
N LEU A 93 1.95 -1.36 15.02
CA LEU A 93 2.06 -2.02 13.75
C LEU A 93 1.39 -3.41 13.82
N PHE A 94 1.61 -4.12 14.93
CA PHE A 94 0.93 -5.41 15.17
C PHE A 94 -0.57 -5.14 15.16
N HIS A 95 -1.00 -4.07 15.83
CA HIS A 95 -2.43 -3.82 15.94
C HIS A 95 -3.03 -3.53 14.56
N HIS A 96 -2.30 -2.79 13.74
CA HIS A 96 -2.77 -2.49 12.39
C HIS A 96 -2.95 -3.79 11.61
N ILE A 97 -1.96 -4.68 11.63
CA ILE A 97 -2.13 -5.97 10.96
C ILE A 97 -3.43 -6.67 11.40
N GLU A 98 -3.65 -6.78 12.72
CA GLU A 98 -4.82 -7.49 13.24
C GLU A 98 -6.12 -6.80 12.82
N THR A 99 -6.18 -5.47 12.96
CA THR A 99 -7.48 -4.79 12.75
C THR A 99 -7.78 -4.65 11.25
N ALA A 100 -6.75 -4.40 10.45
CA ALA A 100 -6.92 -4.36 8.99
C ALA A 100 -7.31 -5.73 8.46
N THR A 101 -6.70 -6.79 9.01
CA THR A 101 -6.99 -8.14 8.53
C THR A 101 -8.44 -8.53 8.87
N ASN A 102 -8.83 -8.32 10.11
CA ASN A 102 -10.22 -8.47 10.53
C ASN A 102 -10.74 -9.85 10.17
N ASN A 103 -9.93 -10.88 10.46
CA ASN A 103 -10.31 -12.28 10.19
C ASN A 103 -10.59 -12.60 8.73
N GLY A 104 -10.09 -11.78 7.84
CA GLY A 104 -10.25 -12.02 6.40
C GLY A 104 -11.09 -10.92 5.74
N LYS A 105 -11.99 -10.29 6.50
CA LYS A 105 -12.87 -9.25 5.92
C LYS A 105 -12.14 -7.92 6.01
N ILE A 106 -11.18 -7.72 5.10
CA ILE A 106 -10.14 -6.65 5.22
C ILE A 106 -10.78 -5.30 5.32
N ARG A 107 -10.32 -4.51 6.32
CA ARG A 107 -10.73 -3.12 6.48
C ARG A 107 -9.64 -2.23 5.98
N PRO A 108 -9.93 -1.39 4.96
CA PRO A 108 -8.90 -0.40 4.59
C PRO A 108 -8.60 0.50 5.77
N THR A 109 -7.32 0.63 6.13
CA THR A 109 -6.91 1.26 7.36
C THR A 109 -5.58 1.98 7.14
N ILE A 110 -5.38 3.06 7.88
CA ILE A 110 -4.08 3.72 7.91
C ILE A 110 -3.78 4.00 9.37
N THR A 111 -2.52 3.81 9.78
CA THR A 111 -2.12 4.16 11.14
C THR A 111 -1.15 5.31 10.95
N ILE A 112 -1.38 6.41 11.64
CA ILE A 112 -0.56 7.58 11.39
C ILE A 112 0.34 7.86 12.58
N PHE A 113 1.65 7.84 12.34
CA PHE A 113 2.62 8.06 13.43
C PHE A 113 3.00 9.55 13.54
N PRO A 114 3.74 9.98 14.61
CA PRO A 114 4.12 11.41 14.69
C PRO A 114 4.79 11.91 13.42
N PRO A 115 4.55 13.16 13.02
CA PRO A 115 5.09 13.65 11.74
C PRO A 115 6.53 14.19 11.87
N GLU A 116 7.19 14.44 10.75
CA GLU A 116 8.53 15.04 10.77
C GLU A 116 8.44 16.39 11.45
N GLU A 117 9.47 16.74 12.21
CA GLU A 117 9.46 18.00 12.93
C GLU A 117 10.19 19.06 12.10
N LYS A 118 11.52 19.05 12.18
CA LYS A 118 12.30 20.00 11.38
C LYS A 118 12.78 19.34 10.09
N GLY A 119 11.95 18.48 9.52
CA GLY A 119 12.42 17.57 8.47
C GLY A 119 13.02 16.33 9.12
N GLU A 120 13.10 16.36 10.46
CA GLU A 120 13.57 15.23 11.26
C GLU A 120 12.48 14.20 11.53
N LYS A 121 12.69 12.96 11.10
CA LYS A 121 11.72 11.89 11.28
C LYS A 121 11.71 11.46 12.75
N GLN A 122 10.52 11.13 13.27
CA GLN A 122 10.43 10.64 14.65
C GLN A 122 10.53 9.12 14.60
N VAL A 123 9.96 8.58 13.54
CA VAL A 123 9.93 7.14 13.32
C VAL A 123 10.21 6.94 11.85
N GLU A 124 11.10 6.01 11.52
CA GLU A 124 11.44 5.76 10.12
C GLU A 124 11.22 4.26 9.87
N ILE A 125 10.19 3.92 9.10
CA ILE A 125 9.89 2.50 8.83
C ILE A 125 10.70 2.03 7.62
N TRP A 126 11.45 0.93 7.76
CA TRP A 126 12.27 0.43 6.65
C TRP A 126 11.51 -0.50 5.71
N ASN A 127 10.50 -1.21 6.22
CA ASN A 127 9.75 -2.14 5.37
C ASN A 127 9.06 -1.46 4.20
N HIS A 128 8.96 -2.13 3.05
CA HIS A 128 8.12 -1.63 1.96
C HIS A 128 6.65 -1.94 2.29
N GLN A 129 6.35 -3.15 2.73
CA GLN A 129 5.02 -3.50 3.26
C GLN A 129 5.25 -4.14 4.63
N LEU A 130 4.26 -4.07 5.52
CA LEU A 130 4.48 -4.62 6.86
C LEU A 130 4.63 -6.14 6.75
N ILE A 131 3.87 -6.75 5.83
CA ILE A 131 4.02 -8.19 5.59
C ILE A 131 4.61 -8.35 4.18
N ARG A 132 5.78 -8.96 4.08
CA ARG A 132 6.42 -9.18 2.77
C ARG A 132 7.43 -10.31 2.90
N TYR A 133 7.72 -11.03 1.80
CA TYR A 133 8.65 -12.14 1.91
C TYR A 133 10.08 -11.68 1.60
N ALA A 134 11.02 -12.33 2.27
CA ALA A 134 12.44 -12.08 2.07
C ALA A 134 12.91 -12.65 0.73
N GLY A 135 14.09 -12.22 0.28
CA GLY A 135 14.66 -12.69 -0.98
C GLY A 135 16.15 -12.81 -0.81
N TYR A 136 16.75 -13.79 -1.47
CA TYR A 136 18.18 -14.07 -1.34
C TYR A 136 18.74 -14.38 -2.72
N GLU A 137 19.96 -13.93 -2.97
CA GLU A 137 20.66 -14.24 -4.22
C GLU A 137 22.12 -14.28 -3.85
N SER A 138 22.72 -15.45 -3.96
CA SER A 138 24.14 -15.59 -3.73
C SER A 138 24.59 -16.74 -4.61
N ASP A 139 25.80 -16.61 -5.16
CA ASP A 139 26.37 -17.57 -6.12
C ASP A 139 25.34 -18.48 -6.81
N GLY A 140 24.70 -17.95 -7.85
CA GLY A 140 23.72 -18.68 -8.65
C GLY A 140 22.37 -18.87 -7.98
N GLU A 141 22.37 -19.02 -6.66
CA GLU A 141 21.19 -19.39 -5.88
C GLU A 141 20.20 -18.23 -5.67
N ARG A 142 18.97 -18.40 -6.17
CA ARG A 142 17.88 -17.44 -5.95
C ARG A 142 16.73 -18.04 -5.14
N ILE A 143 16.41 -17.39 -4.03
CA ILE A 143 15.38 -17.89 -3.13
C ILE A 143 14.48 -16.73 -2.75
N GLY A 144 13.19 -16.97 -2.69
CA GLY A 144 12.25 -15.95 -2.18
C GLY A 144 11.96 -14.88 -3.22
N ASP A 145 11.66 -13.68 -2.72
CA ASP A 145 11.19 -12.59 -3.55
C ASP A 145 12.37 -11.70 -3.90
N PRO A 146 12.78 -11.66 -5.18
CA PRO A 146 13.93 -10.81 -5.48
C PRO A 146 13.74 -9.33 -5.11
N ALA A 147 12.50 -8.86 -5.08
CA ALA A 147 12.30 -7.45 -4.79
C ALA A 147 12.71 -7.15 -3.35
N SER A 148 12.86 -8.20 -2.53
CA SER A 148 13.26 -7.98 -1.14
C SER A 148 14.73 -8.17 -0.84
N CYS A 149 15.54 -8.48 -1.86
CA CYS A 149 16.95 -8.78 -1.62
C CYS A 149 17.68 -7.72 -0.80
N SER A 150 17.54 -6.43 -1.17
CA SER A 150 18.40 -5.47 -0.47
C SER A 150 17.89 -5.31 0.96
N LEU A 151 16.58 -5.32 1.17
CA LEU A 151 16.07 -5.17 2.56
C LEU A 151 16.42 -6.40 3.40
N THR A 152 16.28 -7.59 2.80
CA THR A 152 16.70 -8.84 3.47
C THR A 152 18.14 -8.79 3.89
N ALA A 153 19.04 -8.33 3.00
CA ALA A 153 20.46 -8.24 3.36
C ALA A 153 20.69 -7.26 4.51
N ALA A 154 19.96 -6.15 4.51
CA ALA A 154 20.13 -5.14 5.58
C ALA A 154 19.66 -5.74 6.88
N CYS A 155 18.56 -6.49 6.84
CA CYS A 155 18.08 -7.17 8.07
C CYS A 155 19.10 -8.16 8.59
N GLU A 156 19.74 -8.90 7.68
CA GLU A 156 20.73 -9.87 8.17
C GLU A 156 22.00 -9.18 8.65
N GLU A 157 22.17 -7.90 8.36
CA GLU A 157 23.28 -7.15 8.96
C GLU A 157 22.97 -6.80 10.40
N LEU A 158 21.69 -6.82 10.73
CA LEU A 158 21.23 -6.41 12.07
C LEU A 158 21.00 -7.59 12.99
N GLY A 159 21.42 -8.78 12.55
CA GLY A 159 21.32 -9.97 13.37
C GLY A 159 20.11 -10.86 13.12
N TRP A 160 19.20 -10.46 12.24
CA TRP A 160 18.14 -11.36 11.83
C TRP A 160 18.74 -12.42 10.89
N ARG A 161 18.15 -13.62 10.88
CA ARG A 161 18.56 -14.70 9.97
C ARG A 161 17.29 -15.33 9.40
N GLY A 162 17.18 -15.39 8.08
CA GLY A 162 15.99 -15.98 7.46
C GLY A 162 16.18 -17.49 7.31
N GLU A 163 15.08 -18.24 7.34
CA GLU A 163 15.12 -19.69 7.10
C GLU A 163 15.45 -20.10 5.67
N ARG A 164 15.38 -19.14 4.76
CA ARG A 164 15.64 -19.37 3.32
C ARG A 164 14.66 -20.35 2.68
N THR A 165 13.39 -20.25 3.08
CA THR A 165 12.33 -20.81 2.28
C THR A 165 12.02 -19.73 1.25
N ASP A 166 11.12 -20.05 0.32
CA ASP A 166 10.74 -19.08 -0.67
C ASP A 166 9.77 -18.04 -0.10
N PHE A 167 9.33 -18.23 1.15
CA PHE A 167 8.28 -17.40 1.74
C PHE A 167 8.61 -17.04 3.17
N ASP A 168 9.85 -16.66 3.46
CA ASP A 168 10.17 -16.21 4.82
C ASP A 168 9.51 -14.89 5.06
N LEU A 169 8.86 -14.69 6.22
CA LEU A 169 8.31 -13.35 6.50
C LEU A 169 9.44 -12.45 7.01
N LEU A 170 9.59 -11.29 6.40
CA LEU A 170 10.55 -10.31 6.92
C LEU A 170 10.05 -9.80 8.27
N PRO A 171 10.97 -9.44 9.14
CA PRO A 171 10.56 -8.88 10.44
C PRO A 171 10.13 -7.44 10.19
N LEU A 172 9.39 -6.85 11.13
CA LEU A 172 9.17 -5.40 11.09
C LEU A 172 10.53 -4.77 11.37
N ILE A 173 10.86 -3.67 10.67
CA ILE A 173 12.13 -3.01 10.94
C ILE A 173 11.97 -1.51 10.81
N PHE A 174 12.32 -0.83 11.88
CA PHE A 174 12.13 0.63 11.90
C PHE A 174 13.13 1.23 12.85
N ARG A 175 13.34 2.54 12.70
CA ARG A 175 14.33 3.24 13.50
C ARG A 175 13.68 4.45 14.15
N MET A 176 14.01 4.69 15.41
CA MET A 176 13.47 5.81 16.19
C MET A 176 14.44 6.97 16.14
N LYS A 177 13.90 8.19 16.18
CA LYS A 177 14.73 9.37 16.29
C LYS A 177 15.69 9.18 17.45
N GLY A 178 16.98 9.46 17.24
CA GLY A 178 17.92 9.39 18.33
C GLY A 178 18.70 8.09 18.34
N ASP A 179 18.17 7.08 17.68
CA ASP A 179 18.86 5.81 17.56
C ASP A 179 19.64 5.80 16.26
N GLU A 180 20.87 5.32 16.34
CA GLU A 180 21.73 5.17 15.17
C GLU A 180 21.28 4.04 14.26
N GLN A 181 20.66 3.02 14.85
CA GLN A 181 20.31 1.81 14.10
C GLN A 181 18.84 1.47 14.24
N PRO A 182 18.22 0.83 13.22
CA PRO A 182 16.83 0.42 13.48
C PRO A 182 16.81 -0.81 14.39
N VAL A 183 15.62 -1.22 14.85
CA VAL A 183 15.44 -2.44 15.62
C VAL A 183 14.55 -3.32 14.74
N TRP A 184 14.53 -4.61 14.97
CA TRP A 184 13.60 -5.44 14.21
C TRP A 184 12.86 -6.39 15.15
N TYR A 185 11.66 -6.81 14.72
CA TYR A 185 10.83 -7.71 15.48
C TYR A 185 10.19 -8.72 14.54
N GLU A 186 10.29 -10.00 14.89
CA GLU A 186 9.68 -11.05 14.09
C GLU A 186 8.14 -10.88 14.17
N LEU A 187 7.44 -11.07 13.04
CA LEU A 187 5.97 -11.06 13.09
C LEU A 187 5.42 -12.30 13.78
N PRO A 188 4.51 -12.12 14.74
CA PRO A 188 3.79 -13.29 15.28
C PRO A 188 3.00 -14.02 14.17
N ARG A 189 3.21 -15.31 13.97
CA ARG A 189 2.53 -15.96 12.83
C ARG A 189 1.01 -15.96 12.96
N SER A 190 0.48 -15.96 14.19
CA SER A 190 -0.97 -15.85 14.41
C SER A 190 -1.62 -14.58 13.84
N LEU A 191 -0.82 -13.55 13.55
CA LEU A 191 -1.37 -12.30 13.04
C LEU A 191 -1.44 -12.29 11.51
N VAL A 192 -0.70 -13.21 10.88
CA VAL A 192 -0.48 -13.11 9.45
C VAL A 192 -1.26 -14.16 8.71
N ILE A 193 -2.30 -13.75 7.98
CA ILE A 193 -3.07 -14.71 7.22
C ILE A 193 -2.35 -14.95 5.89
N GLU A 194 -2.19 -16.21 5.47
CA GLU A 194 -1.66 -16.48 4.15
C GLU A 194 -2.65 -17.38 3.44
N VAL A 195 -2.63 -17.34 2.12
CA VAL A 195 -3.57 -18.13 1.32
C VAL A 195 -2.82 -19.10 0.41
N PRO A 196 -3.03 -20.43 0.57
CA PRO A 196 -2.42 -21.33 -0.43
C PRO A 196 -3.12 -21.16 -1.78
N ILE A 197 -2.37 -21.22 -2.89
CA ILE A 197 -3.01 -21.02 -4.18
C ILE A 197 -3.40 -22.38 -4.76
N THR A 198 -4.70 -22.60 -4.92
CA THR A 198 -5.19 -23.74 -5.65
C THR A 198 -6.06 -23.26 -6.81
N HIS A 199 -6.40 -24.16 -7.73
CA HIS A 199 -7.19 -23.78 -8.90
C HIS A 199 -8.55 -24.47 -8.82
N PRO A 200 -9.61 -23.82 -9.35
CA PRO A 200 -10.94 -24.43 -9.18
C PRO A 200 -11.13 -25.77 -9.90
N ASP A 201 -10.40 -26.03 -10.99
CA ASP A 201 -10.67 -27.21 -11.81
C ASP A 201 -9.45 -28.09 -11.98
N ILE A 202 -8.25 -27.51 -11.81
CA ILE A 202 -7.04 -28.27 -12.12
C ILE A 202 -6.37 -28.73 -10.83
N GLU A 203 -6.48 -30.00 -10.51
CA GLU A 203 -6.05 -30.42 -9.17
C GLU A 203 -4.53 -30.34 -8.98
N ALA A 204 -3.78 -30.54 -10.06
CA ALA A 204 -2.31 -30.53 -9.97
C ALA A 204 -1.78 -29.14 -9.60
N PHE A 205 -2.63 -28.13 -9.64
CA PHE A 205 -2.11 -26.76 -9.42
C PHE A 205 -1.46 -26.62 -8.03
N SER A 206 -1.98 -27.36 -7.05
CA SER A 206 -1.41 -27.33 -5.70
C SER A 206 0.03 -27.83 -5.67
N ASP A 207 0.45 -28.57 -6.71
CA ASP A 207 1.83 -29.09 -6.77
C ASP A 207 2.87 -27.95 -6.82
N LEU A 208 2.45 -26.77 -7.26
CA LEU A 208 3.37 -25.62 -7.35
C LEU A 208 3.69 -25.07 -5.96
N GLU A 209 2.88 -25.47 -4.98
CA GLU A 209 3.08 -25.04 -3.60
C GLU A 209 3.22 -23.51 -3.51
N LEU A 210 2.36 -22.79 -4.23
CA LEU A 210 2.36 -21.33 -4.16
C LEU A 210 1.45 -20.88 -3.00
N LYS A 211 1.80 -19.73 -2.42
CA LYS A 211 0.93 -19.07 -1.45
C LYS A 211 1.19 -17.59 -1.50
N TRP A 212 0.33 -16.80 -0.87
CA TRP A 212 0.61 -15.37 -0.80
C TRP A 212 0.00 -14.84 0.48
N TYR A 213 0.36 -13.62 0.90
CA TYR A 213 -0.18 -13.18 2.19
C TYR A 213 -1.49 -12.43 1.91
N GLY A 214 -2.30 -12.26 2.94
CA GLY A 214 -3.68 -11.82 2.70
C GLY A 214 -3.76 -10.31 2.48
N VAL A 215 -2.91 -9.54 3.15
CA VAL A 215 -3.13 -8.09 3.17
C VAL A 215 -1.91 -7.25 2.78
N PRO A 216 -2.02 -6.38 1.73
CA PRO A 216 -0.88 -5.55 1.32
C PRO A 216 -0.89 -4.29 2.16
N ILE A 217 0.14 -4.05 2.97
CA ILE A 217 0.09 -2.93 3.92
C ILE A 217 1.31 -2.09 3.63
N ILE A 218 1.14 -1.09 2.77
CA ILE A 218 2.27 -0.32 2.21
C ILE A 218 2.81 0.66 3.26
N SER A 219 4.10 0.54 3.58
CA SER A 219 4.56 1.20 4.79
C SER A 219 5.72 2.12 4.54
N ASP A 220 5.98 2.46 3.28
CA ASP A 220 7.16 3.29 2.96
C ASP A 220 6.80 4.61 2.28
N MET A 221 5.51 4.99 2.29
CA MET A 221 5.15 6.26 1.67
C MET A 221 4.90 7.36 2.69
N LYS A 222 5.10 8.60 2.26
CA LYS A 222 4.85 9.77 3.09
C LYS A 222 3.47 10.35 2.78
N LEU A 223 2.68 10.54 3.83
CA LEU A 223 1.38 11.20 3.70
C LEU A 223 1.61 12.65 3.98
N GLU A 224 1.21 13.52 3.05
CA GLU A 224 1.37 14.96 3.24
C GLU A 224 0.00 15.61 3.33
N VAL A 225 -0.26 16.32 4.41
CA VAL A 225 -1.55 16.95 4.60
C VAL A 225 -1.33 18.35 5.11
N GLY A 226 -1.77 19.36 4.36
CA GLY A 226 -1.64 20.73 4.83
C GLY A 226 -0.22 21.08 5.24
N GLY A 227 0.76 20.56 4.51
CA GLY A 227 2.14 20.99 4.78
C GLY A 227 2.81 20.20 5.89
N ILE A 228 2.07 19.28 6.50
CA ILE A 228 2.64 18.44 7.55
C ILE A 228 3.00 17.14 6.89
N HIS A 229 4.16 16.58 7.23
CA HIS A 229 4.70 15.43 6.49
C HIS A 229 4.71 14.19 7.36
N TYR A 230 3.77 13.29 7.15
CA TYR A 230 3.72 12.10 7.98
C TYR A 230 4.49 11.02 7.23
N ASN A 231 5.79 10.94 7.47
CA ASN A 231 6.62 10.02 6.69
C ASN A 231 6.36 8.59 7.08
N ALA A 232 5.80 8.39 8.28
CA ALA A 232 5.46 7.02 8.72
C ALA A 232 3.95 6.97 8.94
N ALA A 233 3.27 6.30 8.00
CA ALA A 233 1.82 6.27 8.00
C ALA A 233 1.39 5.09 7.15
N PRO A 234 1.58 3.88 7.67
CA PRO A 234 1.31 2.72 6.80
C PRO A 234 -0.20 2.51 6.52
N PHE A 235 -0.55 2.07 5.32
CA PHE A 235 -1.97 1.92 4.99
C PHE A 235 -2.17 0.64 4.16
N ASN A 236 -3.41 0.14 4.10
CA ASN A 236 -3.70 -1.04 3.32
C ASN A 236 -5.08 -0.95 2.70
N GLY A 237 -5.29 -1.70 1.64
CA GLY A 237 -6.63 -1.99 1.15
C GLY A 237 -6.68 -3.51 1.14
N TRP A 238 -7.50 -4.04 0.25
CA TRP A 238 -7.42 -5.46 -0.12
C TRP A 238 -6.80 -5.53 -1.50
N TYR A 239 -6.30 -6.71 -1.85
CA TYR A 239 -5.61 -6.90 -3.11
C TYR A 239 -6.60 -6.93 -4.26
N MET A 240 -6.11 -6.52 -5.43
CA MET A 240 -6.73 -6.84 -6.69
C MET A 240 -5.96 -8.03 -7.20
N GLY A 241 -6.67 -9.07 -7.65
CA GLY A 241 -5.99 -10.33 -7.94
C GLY A 241 -4.81 -10.24 -8.91
N THR A 242 -4.87 -9.34 -9.90
CA THR A 242 -3.74 -9.25 -10.85
C THR A 242 -2.43 -8.82 -10.18
N GLU A 243 -2.48 -8.13 -9.03
CA GLU A 243 -1.22 -7.73 -8.38
C GLU A 243 -0.45 -8.98 -8.00
N ILE A 244 -1.18 -10.01 -7.63
CA ILE A 244 -0.56 -11.22 -7.15
C ILE A 244 -0.31 -12.10 -8.35
N GLY A 245 -1.34 -12.34 -9.16
CA GLY A 245 -1.19 -13.31 -10.23
C GLY A 245 -0.50 -12.86 -11.49
N ALA A 246 -0.53 -11.56 -11.80
CA ALA A 246 0.07 -11.06 -13.02
C ALA A 246 1.42 -10.42 -12.79
N ARG A 247 1.75 -10.15 -11.51
CA ARG A 247 2.97 -9.39 -11.23
C ARG A 247 3.84 -10.13 -10.19
N ASN A 248 3.34 -10.25 -8.96
CA ASN A 248 4.18 -10.83 -7.90
C ASN A 248 4.61 -12.24 -8.21
N LEU A 249 3.67 -13.05 -8.70
CA LEU A 249 4.00 -14.45 -9.00
C LEU A 249 4.48 -14.67 -10.44
N ALA A 250 4.25 -13.68 -11.32
CA ALA A 250 4.51 -13.83 -12.77
C ALA A 250 5.75 -13.14 -13.31
N ASP A 251 6.06 -11.94 -12.78
CA ASP A 251 7.17 -11.16 -13.33
C ASP A 251 8.45 -11.97 -13.34
N GLU A 252 9.31 -11.77 -14.34
CA GLU A 252 10.56 -12.56 -14.36
C GLU A 252 11.47 -12.16 -13.22
N LYS A 253 11.42 -10.87 -12.83
CA LYS A 253 12.20 -10.36 -11.71
C LYS A 253 11.50 -10.53 -10.35
N ARG A 254 10.36 -11.21 -10.33
CA ARG A 254 9.70 -11.61 -9.07
C ARG A 254 9.74 -13.12 -8.97
N TYR A 255 8.61 -13.77 -8.68
CA TYR A 255 8.66 -15.22 -8.51
C TYR A 255 8.72 -16.02 -9.82
N ASP A 256 8.42 -15.37 -10.96
CA ASP A 256 8.72 -15.98 -12.27
C ASP A 256 8.12 -17.38 -12.46
N LYS A 257 6.83 -17.53 -12.14
CA LYS A 257 6.18 -18.86 -12.19
C LYS A 257 5.45 -19.31 -13.47
N LEU A 258 5.50 -18.53 -14.54
CA LEU A 258 4.63 -18.86 -15.69
C LEU A 258 4.98 -20.17 -16.36
N LYS A 259 6.28 -20.46 -16.47
CA LYS A 259 6.69 -21.71 -17.09
C LYS A 259 6.23 -22.90 -16.22
N LYS A 260 6.36 -22.77 -14.90
CA LYS A 260 5.84 -23.83 -14.04
C LYS A 260 4.32 -23.92 -14.10
N VAL A 261 3.62 -22.80 -14.23
CA VAL A 261 2.17 -22.84 -14.37
C VAL A 261 1.75 -23.58 -15.65
N ALA A 262 2.43 -23.28 -16.76
CA ALA A 262 2.12 -23.92 -18.02
C ALA A 262 2.21 -25.44 -17.89
N SER A 263 3.26 -25.90 -17.25
CA SER A 263 3.47 -27.33 -17.14
C SER A 263 2.32 -27.99 -16.36
N VAL A 264 1.94 -27.44 -15.21
CA VAL A 264 0.85 -28.07 -14.43
C VAL A 264 -0.53 -27.94 -15.06
N ILE A 265 -0.75 -26.95 -15.92
CA ILE A 265 -2.03 -26.89 -16.60
C ILE A 265 -2.03 -27.71 -17.88
N GLY A 266 -0.89 -28.32 -18.18
CA GLY A 266 -0.85 -29.26 -19.28
C GLY A 266 -0.68 -28.64 -20.64
N ILE A 267 -0.11 -27.44 -20.74
CA ILE A 267 0.17 -26.89 -22.09
C ILE A 267 1.66 -26.72 -22.32
N ALA A 268 2.07 -26.79 -23.58
CA ALA A 268 3.46 -26.60 -23.99
C ALA A 268 3.89 -25.15 -23.79
N ALA A 269 5.16 -24.92 -23.45
CA ALA A 269 5.64 -23.54 -23.27
C ALA A 269 6.79 -23.31 -24.25
N ASP A 270 6.56 -23.71 -25.50
CA ASP A 270 7.64 -23.80 -26.49
C ASP A 270 7.48 -22.70 -27.57
N TYR A 271 6.27 -22.24 -27.86
CA TYR A 271 6.07 -21.39 -29.06
C TYR A 271 5.32 -20.14 -28.67
N ASN A 272 5.86 -18.96 -29.05
CA ASN A 272 5.17 -17.71 -28.69
C ASN A 272 3.76 -17.70 -29.27
N THR A 273 3.61 -18.22 -30.48
CA THR A 273 2.29 -18.15 -31.14
C THR A 273 1.22 -19.00 -30.45
N ASP A 274 1.61 -19.84 -29.50
CA ASP A 274 0.63 -20.62 -28.76
C ASP A 274 0.01 -19.78 -27.66
N LEU A 275 0.59 -18.60 -27.42
CA LEU A 275 0.16 -17.74 -26.33
C LEU A 275 0.11 -18.47 -24.96
N TRP A 276 1.12 -19.28 -24.70
CA TRP A 276 1.12 -20.02 -23.47
C TRP A 276 1.35 -19.13 -22.28
N LYS A 277 2.09 -18.01 -22.44
CA LYS A 277 2.24 -17.13 -21.28
C LYS A 277 0.89 -16.54 -20.93
N ASP A 278 0.15 -16.13 -21.95
CA ASP A 278 -1.18 -15.52 -21.72
C ASP A 278 -2.15 -16.50 -21.03
N GLN A 279 -2.20 -17.72 -21.54
CA GLN A 279 -3.07 -18.77 -20.99
C GLN A 279 -2.69 -19.10 -19.56
N ALA A 280 -1.37 -19.23 -19.32
CA ALA A 280 -0.87 -19.45 -17.96
C ALA A 280 -1.24 -18.30 -17.03
N LEU A 281 -1.09 -17.06 -17.52
CA LEU A 281 -1.50 -15.90 -16.70
C LEU A 281 -2.99 -15.94 -16.30
N VAL A 282 -3.83 -16.33 -17.24
CA VAL A 282 -5.26 -16.33 -16.96
C VAL A 282 -5.56 -17.40 -15.93
N GLU A 283 -4.94 -18.57 -16.08
CA GLU A 283 -5.23 -19.65 -15.11
C GLU A 283 -4.67 -19.34 -13.75
N LEU A 284 -3.48 -18.71 -13.68
CA LEU A 284 -2.89 -18.30 -12.40
C LEU A 284 -3.75 -17.24 -11.71
N ASN A 285 -4.24 -16.30 -12.51
CA ASN A 285 -5.14 -15.29 -11.96
C ASN A 285 -6.50 -15.84 -11.52
N LYS A 286 -7.05 -16.84 -12.23
CA LYS A 286 -8.27 -17.48 -11.79
C LYS A 286 -7.99 -18.18 -10.45
N ALA A 287 -6.83 -18.81 -10.34
CA ALA A 287 -6.52 -19.57 -9.11
C ALA A 287 -6.42 -18.62 -7.93
N VAL A 288 -5.76 -17.50 -8.13
CA VAL A 288 -5.59 -16.56 -7.03
C VAL A 288 -6.95 -16.07 -6.52
N LEU A 289 -7.85 -15.70 -7.43
CA LEU A 289 -9.18 -15.21 -7.00
C LEU A 289 -9.93 -16.30 -6.28
N HIS A 290 -9.90 -17.47 -6.89
CA HIS A 290 -10.57 -18.63 -6.29
C HIS A 290 -10.06 -18.92 -4.85
N SER A 291 -8.74 -18.85 -4.68
CA SER A 291 -8.12 -19.21 -3.43
C SER A 291 -8.45 -18.24 -2.32
N TYR A 292 -8.34 -16.95 -2.60
CA TYR A 292 -8.72 -15.97 -1.62
C TYR A 292 -10.18 -16.09 -1.23
N LYS A 293 -11.06 -16.29 -2.21
CA LYS A 293 -12.49 -16.37 -1.94
C LYS A 293 -12.81 -17.61 -1.10
N LYS A 294 -12.17 -18.72 -1.43
CA LYS A 294 -12.42 -19.97 -0.74
C LYS A 294 -12.01 -19.84 0.73
N GLN A 295 -10.93 -19.10 0.98
CA GLN A 295 -10.49 -18.89 2.35
C GLN A 295 -11.15 -17.72 3.10
N GLY A 296 -12.00 -16.96 2.43
CA GLY A 296 -12.74 -15.91 3.12
C GLY A 296 -11.88 -14.70 3.34
N VAL A 297 -10.93 -14.47 2.44
CA VAL A 297 -10.07 -13.28 2.54
C VAL A 297 -10.47 -12.35 1.41
N SER A 298 -10.82 -11.12 1.76
CA SER A 298 -11.20 -10.14 0.72
C SER A 298 -10.20 -10.03 -0.43
N ILE A 299 -10.76 -9.93 -1.65
CA ILE A 299 -9.99 -9.68 -2.86
C ILE A 299 -10.98 -9.14 -3.91
N VAL A 300 -10.49 -8.39 -4.90
CA VAL A 300 -11.33 -7.91 -6.01
C VAL A 300 -10.68 -8.32 -7.33
N ASP A 301 -11.49 -8.67 -8.32
CA ASP A 301 -10.92 -8.96 -9.64
C ASP A 301 -10.81 -7.62 -10.40
N HIS A 302 -10.04 -7.57 -11.50
CA HIS A 302 -9.80 -6.29 -12.14
C HIS A 302 -11.03 -5.75 -12.87
N HIS A 303 -11.94 -6.62 -13.30
CA HIS A 303 -13.16 -6.12 -13.96
C HIS A 303 -14.06 -5.42 -12.98
N THR A 304 -14.25 -6.04 -11.82
CA THR A 304 -15.11 -5.44 -10.79
C THR A 304 -14.45 -4.15 -10.31
N ALA A 305 -13.14 -4.19 -10.12
CA ALA A 305 -12.39 -2.99 -9.69
C ALA A 305 -12.54 -1.85 -10.65
N ALA A 306 -12.42 -2.13 -11.95
CA ALA A 306 -12.60 -1.06 -12.94
C ALA A 306 -14.03 -0.53 -12.94
N SER A 307 -15.02 -1.40 -12.73
CA SER A 307 -16.42 -0.95 -12.63
C SER A 307 -16.64 -0.06 -11.42
N GLN A 308 -16.00 -0.41 -10.31
CA GLN A 308 -16.02 0.47 -9.14
C GLN A 308 -15.33 1.79 -9.46
N PHE A 309 -14.20 1.74 -10.17
CA PHE A 309 -13.53 3.03 -10.53
C PHE A 309 -14.35 3.93 -11.45
N LYS A 310 -15.11 3.32 -12.36
CA LYS A 310 -16.05 4.11 -13.19
C LYS A 310 -17.03 4.82 -12.26
N ARG A 311 -17.50 4.16 -11.22
CA ARG A 311 -18.44 4.85 -10.30
C ARG A 311 -17.71 6.01 -9.56
N PHE A 312 -16.42 5.80 -9.25
CA PHE A 312 -15.61 6.86 -8.64
C PHE A 312 -15.52 8.05 -9.58
N GLU A 313 -15.32 7.80 -10.89
CA GLU A 313 -15.25 8.94 -11.82
C GLU A 313 -16.58 9.67 -11.85
N GLU A 314 -17.66 8.90 -11.85
CA GLU A 314 -19.01 9.50 -11.88
C GLU A 314 -19.28 10.32 -10.63
N GLN A 315 -18.86 9.79 -9.47
CA GLN A 315 -19.06 10.49 -8.21
C GLN A 315 -18.24 11.79 -8.16
N ALA A 316 -17.01 11.76 -8.70
CA ALA A 316 -16.19 12.98 -8.77
C ALA A 316 -16.92 14.06 -9.57
N GLU A 317 -17.41 13.67 -10.74
CA GLU A 317 -18.11 14.65 -11.56
C GLU A 317 -19.33 15.22 -10.82
N GLU A 318 -20.13 14.35 -10.21
CA GLU A 318 -21.32 14.80 -9.51
C GLU A 318 -21.01 15.74 -8.34
N ALA A 319 -19.89 15.49 -7.66
CA ALA A 319 -19.43 16.30 -6.54
C ALA A 319 -18.78 17.61 -7.02
N GLY A 320 -18.61 17.74 -8.34
CA GLY A 320 -17.91 18.87 -8.91
C GLY A 320 -16.40 18.88 -8.65
N ARG A 321 -15.79 17.73 -8.37
CA ARG A 321 -14.34 17.64 -8.25
C ARG A 321 -13.70 17.13 -9.55
N LYS A 322 -12.57 17.73 -9.90
CA LYS A 322 -11.78 17.26 -11.03
C LYS A 322 -11.29 15.88 -10.69
N LEU A 323 -11.27 15.02 -11.70
CA LEU A 323 -10.68 13.71 -11.55
C LEU A 323 -9.22 13.76 -12.01
N THR A 324 -8.35 13.14 -11.26
CA THR A 324 -6.99 12.95 -11.77
C THR A 324 -6.62 11.47 -11.74
N GLY A 325 -5.74 11.06 -12.64
CA GLY A 325 -5.42 9.66 -12.77
C GLY A 325 -4.18 9.43 -13.61
N ASP A 326 -3.55 8.29 -13.38
CA ASP A 326 -2.35 7.90 -14.12
C ASP A 326 -2.70 6.65 -14.93
N TRP A 327 -3.00 6.87 -16.20
CA TRP A 327 -3.52 5.79 -17.06
C TRP A 327 -2.58 4.60 -17.04
N THR A 328 -1.27 4.86 -17.00
CA THR A 328 -0.30 3.76 -17.03
C THR A 328 -0.31 2.86 -15.82
N TRP A 329 -0.78 3.39 -14.69
CA TRP A 329 -0.96 2.53 -13.52
C TRP A 329 -2.38 2.04 -13.32
N LEU A 330 -3.37 2.77 -13.85
CA LEU A 330 -4.77 2.36 -13.63
C LEU A 330 -5.15 1.15 -14.49
N ILE A 331 -4.61 1.06 -15.71
CA ILE A 331 -4.97 -0.15 -16.49
C ILE A 331 -4.44 -1.44 -15.80
N PRO A 332 -5.28 -2.51 -15.77
CA PRO A 332 -4.73 -3.73 -15.19
C PRO A 332 -3.77 -4.38 -16.17
N PRO A 333 -2.86 -5.23 -15.67
CA PRO A 333 -1.85 -5.90 -16.50
C PRO A 333 -2.40 -7.14 -17.23
N ILE A 334 -3.66 -7.50 -17.02
CA ILE A 334 -4.22 -8.47 -17.95
C ILE A 334 -5.57 -7.98 -18.49
N SER A 335 -5.82 -8.32 -19.75
CA SER A 335 -6.96 -7.76 -20.50
C SER A 335 -7.29 -6.31 -20.26
N PRO A 336 -6.31 -5.40 -20.36
CA PRO A 336 -6.67 -4.00 -20.04
C PRO A 336 -7.70 -3.38 -20.97
N ALA A 337 -7.71 -3.76 -22.24
CA ALA A 337 -8.67 -3.16 -23.14
C ALA A 337 -10.09 -3.71 -22.92
N ALA A 338 -10.25 -4.66 -22.01
CA ALA A 338 -11.61 -5.07 -21.62
C ALA A 338 -12.17 -4.16 -20.53
N THR A 339 -11.39 -3.14 -20.10
CA THR A 339 -11.90 -2.20 -19.10
C THR A 339 -12.11 -0.87 -19.74
N HIS A 340 -13.02 -0.08 -19.18
CA HIS A 340 -13.30 1.26 -19.71
C HIS A 340 -12.07 2.18 -19.55
N ILE A 341 -11.22 1.87 -18.56
CA ILE A 341 -10.06 2.69 -18.26
C ILE A 341 -9.18 2.83 -19.53
N PHE A 342 -8.92 1.71 -20.18
CA PHE A 342 -8.05 1.68 -21.37
C PHE A 342 -8.50 2.68 -22.42
N HIS A 343 -9.82 2.85 -22.54
CA HIS A 343 -10.38 3.61 -23.66
C HIS A 343 -10.58 5.09 -23.38
N ARG A 344 -10.14 5.57 -22.22
CA ARG A 344 -10.17 7.01 -22.01
C ARG A 344 -8.83 7.55 -21.52
N SER A 345 -8.73 8.87 -21.38
CA SER A 345 -7.49 9.44 -20.88
C SER A 345 -7.74 10.12 -19.51
N TYR A 346 -6.65 10.38 -18.79
CA TYR A 346 -6.73 10.91 -17.42
C TYR A 346 -5.67 11.99 -17.26
N ASP A 347 -6.05 13.06 -16.58
CA ASP A 347 -5.16 14.17 -16.20
C ASP A 347 -4.29 13.74 -15.02
N ASN A 348 -2.97 13.61 -15.23
CA ASN A 348 -2.07 13.09 -14.18
C ASN A 348 -1.53 14.20 -13.28
N SER A 349 -2.30 15.26 -13.09
CA SER A 349 -1.89 16.34 -12.19
C SER A 349 -1.79 15.87 -10.76
N ILE A 350 -0.83 16.39 -10.02
CA ILE A 350 -0.69 16.02 -8.60
C ILE A 350 -1.47 17.00 -7.72
N VAL A 351 -2.43 16.49 -6.94
CA VAL A 351 -3.24 17.33 -6.03
C VAL A 351 -2.97 16.85 -4.61
N LYS A 352 -2.80 17.81 -3.68
CA LYS A 352 -2.55 17.48 -2.26
C LYS A 352 -3.81 17.69 -1.42
N PRO A 353 -4.00 16.93 -0.32
CA PRO A 353 -3.21 15.86 0.31
C PRO A 353 -2.94 14.70 -0.62
N ASN A 354 -1.85 14.00 -0.39
CA ASN A 354 -1.48 12.89 -1.24
C ASN A 354 -0.43 12.07 -0.55
N TYR A 355 -0.15 10.89 -1.12
CA TYR A 355 0.93 9.97 -0.68
C TYR A 355 2.12 10.07 -1.65
N PHE A 356 3.33 10.07 -1.09
CA PHE A 356 4.55 10.38 -1.90
C PHE A 356 5.65 9.36 -1.63
N TYR A 357 6.49 9.12 -2.64
CA TYR A 357 7.65 8.23 -2.49
C TYR A 357 8.61 8.92 -1.56
N GLN A 358 9.44 8.18 -0.85
CA GLN A 358 10.55 8.87 -0.18
C GLN A 358 11.77 7.96 -0.28
N ASP A 359 12.96 8.49 -0.05
CA ASP A 359 14.18 7.68 -0.23
C ASP A 359 14.25 6.51 0.76
N LYS A 360 14.73 5.35 0.30
CA LYS A 360 15.00 4.25 1.22
C LYS A 360 16.13 4.63 2.20
N PRO A 361 16.04 4.17 3.45
CA PRO A 361 17.12 4.47 4.40
C PRO A 361 18.29 3.47 4.34
N TYR A 362 18.06 2.32 3.74
CA TYR A 362 19.11 1.36 3.39
C TYR A 362 19.31 1.58 1.87
N GLU A 363 20.26 0.90 1.23
CA GLU A 363 20.64 1.19 -0.17
C GLU A 363 21.32 2.58 -0.34
#